data_7LIY
#
_entry.id   7LIY
#
_cell.length_a   1.00
_cell.length_b   1.00
_cell.length_c   1.00
_cell.angle_alpha   90.00
_cell.angle_beta   90.00
_cell.angle_gamma   90.00
#
_symmetry.space_group_name_H-M   'P 1'
#
loop_
_entity.id
_entity.type
_entity.pdbx_description
1 polymer CaRSP2
2 polymer 'B-phycoerythrin beta chain'
3 non-polymer PHYCOERYTHROBILIN
#
loop_
_entity_poly.entity_id
_entity_poly.type
_entity_poly.pdbx_seq_one_letter_code
_entity_poly.pdbx_strand_id
1 'polypeptide(L)'
;MWEQQRPRRCEAPAAPSSRPAERRAAARRSRAQLRMKQDDYEQWKTEFAGGFPGGEAFYKKWIEEGAKGDVPALEEELQP
RSPNKKPTIYEEQMISNRGQQKGVDPTWKTLLAGGFPGGEFFFKKWIGEGAQGEVPNLDADLQPGSGSAKKTGKKEDADK
SSPGGIMTPGRIMVPSGLGEEEETVDKEAPRPELYNKYFSADRLHKAPEILFEYNKTKYDRVGVRYTEVTSKASERFFPK
SRMNRAPVIEISYREGAVSTASVSLSMPEISGPPALPFPVPKGDVTTTMVTDPTTGRLKLEFKVDGAAVSAYSDPRATEA
YNKMIRK
;
A
2 'polypeptide(L)'
;MLDAFSRVVVNSDAKAAYVGGSDLQALKSFIADGNKRLDAVNSIVSNASCMVSDAVSGMICENPGLISPGG(MEN)CYTN
RRMAACLRDGEIILRYVSYALLAGDASVLEDRCLNGLKETYIALGVPTNSSIRAVSIMKAQAVAFITNTATERKMSFAAG
DCTSLASEVASYFDRVGAAIS
;
B,C
#
# COMPACT_ATOMS: atom_id res chain seq x y z
N LEU A 194 22.10 15.94 20.47
CA LEU A 194 21.31 17.09 20.98
C LEU A 194 20.67 17.87 19.82
N TYR A 195 19.35 18.10 19.88
CA TYR A 195 18.57 18.89 18.90
C TYR A 195 17.50 19.80 19.55
N ASN A 196 17.53 19.93 20.89
CA ASN A 196 16.44 20.47 21.71
C ASN A 196 16.11 21.96 21.44
N LYS A 197 17.04 22.72 20.82
CA LYS A 197 16.83 24.10 20.37
C LYS A 197 15.63 24.19 19.41
N TYR A 198 15.72 23.50 18.28
CA TYR A 198 14.66 23.55 17.23
C TYR A 198 13.52 22.60 17.57
N PHE A 199 13.82 21.30 17.72
CA PHE A 199 12.77 20.29 18.01
C PHE A 199 12.74 19.93 19.50
N SER A 200 11.87 20.60 20.27
CA SER A 200 11.71 20.30 21.71
C SER A 200 10.91 19.01 21.83
N ALA A 201 11.10 18.23 22.90
CA ALA A 201 10.37 16.96 23.01
C ALA A 201 8.85 17.10 23.21
N ASP A 202 8.36 18.29 23.61
CA ASP A 202 6.93 18.58 23.71
C ASP A 202 6.26 18.66 22.33
N ARG A 203 6.98 19.18 21.32
CA ARG A 203 6.44 19.40 19.96
C ARG A 203 7.06 18.48 18.89
N LEU A 204 8.11 17.72 19.25
CA LEU A 204 8.91 16.84 18.36
C LEU A 204 8.03 15.88 17.54
N HIS A 205 8.34 15.74 16.25
CA HIS A 205 7.63 14.79 15.33
C HIS A 205 6.13 15.07 15.24
N LYS A 206 5.71 16.34 15.17
CA LYS A 206 4.28 16.61 15.00
C LYS A 206 4.15 17.48 13.76
N ALA A 207 3.14 17.16 12.99
CA ALA A 207 2.96 17.60 11.61
C ALA A 207 1.46 17.71 11.33
N PRO A 208 1.01 18.63 10.45
CA PRO A 208 -0.39 18.72 10.04
C PRO A 208 -0.90 17.47 9.26
N GLU A 209 -2.21 17.33 9.24
CA GLU A 209 -2.98 16.33 8.52
C GLU A 209 -4.08 17.04 7.71
N ILE A 210 -4.39 16.53 6.52
CA ILE A 210 -5.41 17.10 5.62
C ILE A 210 -6.38 15.99 5.18
N LEU A 211 -7.67 16.26 5.29
CA LEU A 211 -8.75 15.29 5.24
C LEU A 211 -9.80 15.77 4.23
N PHE A 212 -10.40 14.84 3.51
CA PHE A 212 -11.44 15.13 2.53
C PHE A 212 -12.64 14.25 2.79
N GLU A 213 -13.79 14.88 2.95
CA GLU A 213 -15.11 14.27 2.90
C GLU A 213 -15.71 14.68 1.55
N TYR A 214 -15.20 14.11 0.47
CA TYR A 214 -15.61 14.46 -0.90
C TYR A 214 -16.22 13.27 -1.65
N ASN A 215 -17.42 13.46 -2.19
CA ASN A 215 -18.17 12.50 -3.00
C ASN A 215 -18.92 13.17 -4.16
N LYS A 216 -18.75 14.50 -4.35
CA LYS A 216 -19.59 15.37 -5.16
C LYS A 216 -21.04 15.40 -4.64
N THR A 217 -21.17 15.75 -3.35
CA THR A 217 -22.42 15.76 -2.57
C THR A 217 -22.53 17.03 -1.72
N LYS A 218 -23.75 17.48 -1.41
CA LYS A 218 -24.05 18.74 -0.69
C LYS A 218 -23.25 18.93 0.59
N TYR A 219 -23.14 17.87 1.39
CA TYR A 219 -22.49 17.87 2.71
C TYR A 219 -20.98 17.61 2.68
N ASP A 220 -20.32 17.70 1.52
CA ASP A 220 -18.88 17.51 1.39
C ASP A 220 -18.07 18.60 2.12
N ARG A 221 -16.90 18.22 2.67
CA ARG A 221 -16.04 19.05 3.54
C ARG A 221 -14.55 18.83 3.29
N VAL A 222 -13.74 19.73 3.85
CA VAL A 222 -12.28 19.64 3.93
C VAL A 222 -11.89 19.88 5.38
N GLY A 223 -10.99 19.07 5.91
CA GLY A 223 -10.65 19.03 7.33
C GLY A 223 -9.14 19.08 7.56
N VAL A 224 -8.71 19.73 8.63
CA VAL A 224 -7.31 19.73 9.06
C VAL A 224 -7.19 19.43 10.55
N ARG A 225 -6.13 18.71 10.93
CA ARG A 225 -5.78 18.43 12.34
C ARG A 225 -4.26 18.38 12.52
N TYR A 226 -3.77 18.69 13.72
CA TYR A 226 -2.32 18.51 14.01
C TYR A 226 -2.15 17.07 14.50
N THR A 227 -1.01 16.40 14.25
CA THR A 227 -0.92 14.99 14.72
C THR A 227 0.52 14.52 14.87
N GLU A 228 0.73 13.47 15.67
CA GLU A 228 2.07 12.85 15.86
C GLU A 228 2.27 11.90 14.68
N VAL A 229 3.41 11.94 13.99
CA VAL A 229 3.66 11.02 12.85
C VAL A 229 4.16 9.66 13.35
N THR A 230 3.38 8.60 13.12
CA THR A 230 3.71 7.22 13.54
C THR A 230 3.93 6.30 12.33
N SER A 231 5.06 5.59 12.29
CA SER A 231 5.46 4.70 11.19
C SER A 231 6.52 3.69 11.68
N LYS A 232 6.70 2.58 10.97
CA LYS A 232 7.59 1.45 11.32
C LYS A 232 8.46 0.99 10.14
N ALA A 233 9.57 0.31 10.45
CA ALA A 233 10.69 0.07 9.53
C ALA A 233 10.34 -0.70 8.24
N SER A 234 9.34 -1.58 8.29
CA SER A 234 8.89 -2.41 7.16
C SER A 234 8.31 -1.60 5.98
N GLU A 235 7.99 -0.33 6.17
CA GLU A 235 7.11 0.37 5.24
C GLU A 235 7.72 0.63 3.87
N ARG A 236 9.04 0.56 3.67
CA ARG A 236 9.67 0.85 2.33
C ARG A 236 8.96 0.15 1.17
N PHE A 237 8.61 -1.12 1.37
CA PHE A 237 7.96 -1.97 0.36
C PHE A 237 6.44 -2.12 0.57
N PHE A 238 5.97 -1.91 1.81
CA PHE A 238 4.58 -2.06 2.24
C PHE A 238 4.12 -0.75 2.92
N PRO A 239 3.82 0.31 2.14
CA PRO A 239 3.26 1.55 2.69
C PRO A 239 1.93 1.29 3.42
N LYS A 240 1.60 2.08 4.44
CA LYS A 240 0.39 1.93 5.30
C LYS A 240 -0.95 2.00 4.55
N SER A 241 -0.98 2.65 3.39
CA SER A 241 -2.15 2.70 2.51
C SER A 241 -2.49 1.34 1.90
N ARG A 242 -1.46 0.55 1.58
CA ARG A 242 -1.64 -0.75 0.88
C ARG A 242 -1.40 -1.96 1.79
N MET A 243 -0.72 -1.79 2.92
CA MET A 243 -0.24 -2.91 3.75
C MET A 243 -1.34 -3.88 4.23
N ASN A 244 -1.00 -5.16 4.22
CA ASN A 244 -1.84 -6.29 4.62
C ASN A 244 -3.10 -6.46 3.76
N ARG A 245 -3.11 -5.98 2.50
CA ARG A 245 -4.24 -6.23 1.56
C ARG A 245 -3.85 -7.32 0.56
N ALA A 246 -4.83 -8.14 0.16
CA ALA A 246 -4.63 -9.26 -0.79
C ALA A 246 -5.89 -9.40 -1.62
N PRO A 247 -5.85 -10.03 -2.83
CA PRO A 247 -7.06 -10.15 -3.62
C PRO A 247 -8.10 -11.22 -3.22
N VAL A 248 -9.20 -10.85 -2.53
CA VAL A 248 -10.31 -11.81 -2.43
C VAL A 248 -10.93 -11.93 -3.81
N ILE A 249 -11.25 -13.15 -4.20
CA ILE A 249 -11.91 -13.47 -5.45
C ILE A 249 -13.10 -14.33 -5.05
N GLU A 250 -14.27 -13.99 -5.55
CA GLU A 250 -15.53 -14.64 -5.24
C GLU A 250 -16.22 -15.01 -6.54
N ILE A 251 -16.61 -16.26 -6.69
CA ILE A 251 -17.15 -16.84 -7.91
C ILE A 251 -18.47 -17.54 -7.57
N SER A 252 -19.48 -17.36 -8.41
CA SER A 252 -20.80 -17.96 -8.24
C SER A 252 -21.21 -18.68 -9.52
N TYR A 253 -21.54 -19.97 -9.38
CA TYR A 253 -21.89 -20.88 -10.46
C TYR A 253 -22.71 -22.08 -9.93
N ARG A 254 -23.48 -22.72 -10.83
CA ARG A 254 -24.18 -23.99 -10.62
C ARG A 254 -24.23 -24.73 -11.96
N GLU A 255 -24.15 -26.07 -11.95
CA GLU A 255 -23.98 -26.87 -13.17
C GLU A 255 -25.04 -26.56 -14.26
N GLY A 256 -24.59 -26.08 -15.42
CA GLY A 256 -25.43 -25.70 -16.56
C GLY A 256 -26.11 -24.33 -16.45
N ALA A 257 -26.06 -23.66 -15.29
CA ALA A 257 -26.66 -22.35 -15.03
C ALA A 257 -25.72 -21.18 -15.37
N VAL A 258 -24.91 -21.31 -16.44
CA VAL A 258 -23.87 -20.33 -16.83
C VAL A 258 -24.42 -18.92 -17.09
N SER A 259 -25.68 -18.79 -17.51
CA SER A 259 -26.38 -17.50 -17.65
C SER A 259 -26.49 -16.70 -16.33
N THR A 260 -26.41 -17.37 -15.18
CA THR A 260 -26.46 -16.75 -13.84
C THR A 260 -25.08 -16.43 -13.26
N ALA A 261 -23.99 -16.84 -13.92
CA ALA A 261 -22.65 -16.82 -13.33
C ALA A 261 -22.08 -15.41 -13.12
N SER A 262 -21.30 -15.22 -12.06
CA SER A 262 -20.66 -13.94 -11.70
C SER A 262 -19.31 -14.15 -10.99
N VAL A 263 -18.36 -13.25 -11.23
CA VAL A 263 -17.07 -13.19 -10.52
C VAL A 263 -16.80 -11.77 -10.00
N SER A 264 -16.26 -11.68 -8.80
CA SER A 264 -16.03 -10.44 -8.07
C SER A 264 -14.62 -10.42 -7.48
N LEU A 265 -14.00 -9.23 -7.45
CA LEU A 265 -12.66 -8.98 -6.93
C LEU A 265 -12.71 -7.81 -5.94
N SER A 266 -12.03 -7.93 -4.82
CA SER A 266 -11.79 -6.86 -3.83
C SER A 266 -10.45 -7.08 -3.12
N MET A 267 -9.92 -6.07 -2.41
CA MET A 267 -8.72 -6.23 -1.58
C MET A 267 -8.78 -5.48 -0.24
N PRO A 268 -9.62 -5.94 0.70
CA PRO A 268 -9.63 -5.44 2.08
C PRO A 268 -8.43 -5.96 2.89
N GLU A 269 -8.24 -5.41 4.10
CA GLU A 269 -7.28 -5.93 5.09
C GLU A 269 -7.70 -7.32 5.63
N ILE A 270 -6.77 -8.20 5.95
CA ILE A 270 -7.21 -9.59 6.27
C ILE A 270 -6.63 -10.10 7.60
N SER A 271 -7.40 -10.96 8.31
CA SER A 271 -6.95 -11.53 9.60
C SER A 271 -7.11 -13.05 9.58
N GLY A 272 -6.02 -13.78 9.32
CA GLY A 272 -6.05 -15.25 9.26
C GLY A 272 -6.75 -15.84 10.49
N PRO A 273 -7.71 -16.77 10.31
CA PRO A 273 -8.42 -17.37 11.44
C PRO A 273 -7.55 -18.43 12.15
N PRO A 274 -7.67 -18.60 13.49
CA PRO A 274 -6.88 -19.58 14.22
C PRO A 274 -7.42 -21.00 14.02
N MET B 1 -10.92 32.56 5.93
CA MET B 1 -11.00 31.18 6.50
C MET B 1 -9.65 30.49 6.74
N LEU B 2 -8.60 30.74 5.93
CA LEU B 2 -7.27 30.11 6.10
C LEU B 2 -6.68 30.32 7.52
N ASP B 3 -6.98 31.45 8.18
CA ASP B 3 -6.63 31.69 9.59
C ASP B 3 -7.19 30.63 10.56
N ALA B 4 -8.35 30.02 10.29
CA ALA B 4 -8.86 28.91 11.09
C ALA B 4 -7.97 27.66 10.96
N PHE B 5 -7.46 27.41 9.75
CA PHE B 5 -6.50 26.31 9.48
C PHE B 5 -5.21 26.60 10.26
N SER B 6 -4.73 27.85 10.16
CA SER B 6 -3.49 28.28 10.86
C SER B 6 -3.68 28.18 12.37
N ARG B 7 -4.88 28.48 12.86
CA ARG B 7 -5.19 28.43 14.31
C ARG B 7 -4.83 27.04 14.86
N VAL B 8 -5.27 25.99 14.16
CA VAL B 8 -4.99 24.58 14.59
C VAL B 8 -3.48 24.43 14.82
N VAL B 9 -2.67 24.69 13.79
CA VAL B 9 -1.21 24.59 13.85
C VAL B 9 -0.63 25.50 14.92
N VAL B 10 -1.17 26.71 15.10
CA VAL B 10 -0.76 27.66 16.18
C VAL B 10 -0.98 26.98 17.54
N ASN B 11 -2.14 26.38 17.75
CA ASN B 11 -2.47 25.70 18.99
C ASN B 11 -1.78 24.33 19.13
N SER B 12 -1.55 23.60 18.03
CA SER B 12 -0.92 22.26 18.03
C SER B 12 -1.66 21.26 18.95
N ASP B 13 -2.98 21.44 19.12
CA ASP B 13 -3.79 20.76 20.13
C ASP B 13 -4.31 19.36 19.72
N ALA B 14 -4.06 18.96 18.48
CA ALA B 14 -4.53 17.71 17.86
C ALA B 14 -6.06 17.53 17.82
N LYS B 15 -6.84 18.63 17.82
CA LYS B 15 -8.31 18.61 17.66
C LYS B 15 -8.68 19.06 16.24
N ALA B 16 -9.51 18.26 15.55
CA ALA B 16 -9.84 18.49 14.15
C ALA B 16 -10.76 19.70 13.91
N ALA B 17 -10.57 20.38 12.78
CA ALA B 17 -11.43 21.47 12.30
C ALA B 17 -11.82 21.19 10.84
N TYR B 18 -13.08 21.46 10.50
CA TYR B 18 -13.68 21.14 9.21
C TYR B 18 -14.38 22.37 8.63
N VAL B 19 -14.33 22.51 7.31
CA VAL B 19 -15.01 23.57 6.57
C VAL B 19 -15.84 22.99 5.43
N GLY B 20 -17.01 23.58 5.23
CA GLY B 20 -18.01 23.24 4.21
C GLY B 20 -18.90 24.44 3.94
N GLY B 21 -19.87 24.32 3.03
CA GLY B 21 -20.85 25.38 2.73
C GLY B 21 -20.20 26.75 2.49
N SER B 22 -20.72 27.78 3.17
CA SER B 22 -20.20 29.16 3.09
C SER B 22 -18.74 29.32 3.52
N ASP B 23 -18.24 28.54 4.50
CA ASP B 23 -16.84 28.62 4.94
C ASP B 23 -15.87 28.05 3.89
N LEU B 24 -16.24 26.92 3.26
CA LEU B 24 -15.47 26.35 2.16
C LEU B 24 -15.59 27.20 0.88
N GLN B 25 -16.76 27.79 0.62
CA GLN B 25 -16.93 28.74 -0.49
C GLN B 25 -16.06 30.00 -0.31
N ALA B 26 -15.92 30.51 0.91
CA ALA B 26 -15.00 31.58 1.25
C ALA B 26 -13.53 31.17 1.08
N LEU B 27 -13.14 29.95 1.49
CA LEU B 27 -11.79 29.42 1.27
C LEU B 27 -11.43 29.34 -0.23
N LYS B 28 -12.32 28.75 -1.04
CA LYS B 28 -12.14 28.62 -2.49
C LYS B 28 -12.18 29.96 -3.24
N SER B 29 -12.93 30.93 -2.74
CA SER B 29 -12.91 32.31 -3.24
C SER B 29 -11.58 33.02 -2.91
N PHE B 30 -11.06 32.82 -1.70
CA PHE B 30 -9.84 33.47 -1.20
C PHE B 30 -8.54 32.92 -1.83
N ILE B 31 -8.37 31.60 -1.91
CA ILE B 31 -7.12 30.98 -2.38
C ILE B 31 -7.25 30.60 -3.86
N ALA B 32 -6.26 31.00 -4.67
CA ALA B 32 -6.35 30.98 -6.14
C ALA B 32 -6.53 29.57 -6.74
N ASP B 33 -7.43 29.48 -7.73
CA ASP B 33 -7.73 28.19 -8.43
C ASP B 33 -8.06 27.12 -7.38
N GLY B 34 -8.82 27.50 -6.33
CA GLY B 34 -9.20 26.57 -5.25
C GLY B 34 -9.70 25.24 -5.77
N ASN B 35 -10.66 25.27 -6.72
CA ASN B 35 -11.23 24.03 -7.30
C ASN B 35 -10.10 23.10 -7.77
N LYS B 36 -9.16 23.64 -8.55
CA LYS B 36 -8.01 22.83 -9.07
C LYS B 36 -6.98 22.62 -7.95
N ARG B 37 -6.89 23.57 -7.02
CA ARG B 37 -5.93 23.48 -5.89
C ARG B 37 -6.33 22.31 -4.98
N LEU B 38 -7.62 22.23 -4.62
CA LEU B 38 -8.11 21.16 -3.76
C LEU B 38 -7.93 19.78 -4.41
N ASP B 39 -8.20 19.63 -5.71
CA ASP B 39 -7.88 18.40 -6.41
C ASP B 39 -6.36 18.11 -6.43
N ALA B 40 -5.51 19.12 -6.54
CA ALA B 40 -4.06 18.97 -6.49
C ALA B 40 -3.62 18.43 -5.12
N VAL B 41 -4.12 19.02 -4.03
CA VAL B 41 -3.87 18.53 -2.65
C VAL B 41 -4.41 17.12 -2.47
N ASN B 42 -5.64 16.84 -2.91
CA ASN B 42 -6.26 15.52 -2.83
C ASN B 42 -5.43 14.46 -3.58
N SER B 43 -4.87 14.80 -4.75
CA SER B 43 -4.00 13.90 -5.52
C SER B 43 -2.74 13.49 -4.75
N ILE B 44 -2.16 14.38 -3.95
CA ILE B 44 -1.01 14.08 -3.09
C ILE B 44 -1.46 13.27 -1.88
N VAL B 45 -2.41 13.76 -1.08
CA VAL B 45 -2.75 13.08 0.18
C VAL B 45 -3.37 11.70 -0.04
N SER B 46 -4.05 11.47 -1.17
CA SER B 46 -4.56 10.14 -1.56
C SER B 46 -3.45 9.11 -1.80
N ASN B 47 -2.22 9.56 -2.08
CA ASN B 47 -1.08 8.74 -2.45
C ASN B 47 0.12 8.88 -1.48
N ALA B 48 -0.02 9.68 -0.42
CA ALA B 48 1.10 10.15 0.40
C ALA B 48 1.93 9.02 1.06
N SER B 49 1.30 7.95 1.55
CA SER B 49 2.04 6.84 2.17
C SER B 49 2.92 6.11 1.14
N CYS B 50 2.37 5.80 -0.03
CA CYS B 50 3.10 5.12 -1.09
C CYS B 50 4.24 6.04 -1.61
N MET B 51 3.96 7.35 -1.73
CA MET B 51 4.96 8.36 -2.11
C MET B 51 6.19 8.35 -1.20
N VAL B 52 5.97 8.47 0.11
CA VAL B 52 7.05 8.49 1.11
C VAL B 52 7.86 7.19 1.07
N SER B 53 7.20 6.05 1.05
CA SER B 53 7.88 4.76 1.13
C SER B 53 8.73 4.51 -0.12
N ASP B 54 8.17 4.78 -1.29
CA ASP B 54 8.90 4.71 -2.56
C ASP B 54 10.08 5.69 -2.60
N ALA B 55 9.93 6.94 -2.15
CA ALA B 55 11.03 7.91 -2.18
C ALA B 55 12.20 7.53 -1.26
N VAL B 56 11.85 7.21 0.00
CA VAL B 56 12.79 6.82 1.09
C VAL B 56 13.58 5.58 0.66
N SER B 57 12.91 4.61 0.04
CA SER B 57 13.51 3.35 -0.47
C SER B 57 14.28 3.65 -1.75
N GLY B 58 13.86 4.69 -2.45
CA GLY B 58 14.50 5.20 -3.65
C GLY B 58 15.82 5.87 -3.37
N MET B 59 15.99 6.39 -2.16
CA MET B 59 17.26 7.00 -1.71
C MET B 59 18.20 5.88 -1.21
N ILE B 60 17.63 4.77 -0.72
CA ILE B 60 18.45 3.66 -0.20
C ILE B 60 18.96 2.74 -1.31
N CYS B 61 18.15 2.37 -2.30
CA CYS B 61 18.57 1.49 -3.38
C CYS B 61 19.69 2.14 -4.24
N GLU B 62 19.69 3.46 -4.41
CA GLU B 62 20.73 4.24 -5.08
C GLU B 62 21.99 4.43 -4.22
N ASN B 63 21.87 4.36 -2.89
CA ASN B 63 22.96 4.54 -1.93
C ASN B 63 22.91 3.45 -0.84
N PRO B 64 23.24 2.18 -1.17
CA PRO B 64 23.07 1.07 -0.25
C PRO B 64 23.94 1.17 1.01
N GLY B 65 24.99 2.00 1.00
CA GLY B 65 25.79 2.29 2.20
C GLY B 65 24.96 2.82 3.38
N LEU B 66 23.81 3.45 3.12
CA LEU B 66 22.89 3.93 4.15
C LEU B 66 22.38 2.79 5.05
N ILE B 67 22.27 1.56 4.54
CA ILE B 67 21.75 0.41 5.29
C ILE B 67 22.82 -0.63 5.66
N SER B 68 24.09 -0.33 5.42
CA SER B 68 25.24 -1.10 5.92
C SER B 68 25.53 -0.73 7.37
N PRO B 69 26.24 -1.55 8.16
CA PRO B 69 26.60 -1.20 9.53
C PRO B 69 27.29 0.16 9.59
N GLY B 70 26.91 0.99 10.57
CA GLY B 70 27.34 2.38 10.67
C GLY B 70 26.63 3.36 9.71
N GLY B 71 25.83 2.87 8.76
CA GLY B 71 24.96 3.67 7.90
C GLY B 71 23.80 4.29 8.67
N CYS B 73 20.61 4.68 7.99
CA CYS B 73 19.36 3.90 7.99
C CYS B 73 19.55 2.50 8.58
N TYR B 74 20.72 2.19 9.13
CA TYR B 74 20.98 0.87 9.71
C TYR B 74 20.21 0.67 11.03
N THR B 75 19.68 -0.53 11.23
CA THR B 75 18.70 -0.95 12.27
C THR B 75 17.28 -0.39 12.08
N ASN B 76 16.30 -1.14 12.57
CA ASN B 76 14.88 -0.83 12.37
C ASN B 76 14.48 0.53 12.97
N ARG B 77 15.11 0.90 14.08
CA ARG B 77 14.83 2.20 14.74
C ARG B 77 15.14 3.36 13.78
N ARG B 78 16.30 3.33 13.11
CA ARG B 78 16.70 4.42 12.18
C ARG B 78 15.82 4.40 10.93
N MET B 79 15.40 3.21 10.48
CA MET B 79 14.58 3.05 9.28
C MET B 79 13.16 3.61 9.47
N ALA B 80 12.52 3.25 10.59
CA ALA B 80 11.25 3.85 11.01
C ALA B 80 11.34 5.38 11.18
N ALA B 81 12.47 5.87 11.70
CA ALA B 81 12.71 7.30 11.86
C ALA B 81 12.79 8.03 10.50
N CYS B 82 13.57 7.53 9.55
CA CYS B 82 13.70 8.10 8.21
C CYS B 82 12.33 8.18 7.50
N LEU B 83 11.67 7.02 7.42
CA LEU B 83 10.33 6.91 6.78
C LEU B 83 9.38 7.93 7.42
N ARG B 84 9.58 8.21 8.72
CA ARG B 84 8.78 9.17 9.53
C ARG B 84 9.07 10.60 9.06
N ASP B 85 10.35 10.95 8.94
CA ASP B 85 10.81 12.28 8.47
C ASP B 85 10.21 12.55 7.08
N GLY B 86 10.15 11.51 6.24
CA GLY B 86 9.60 11.64 4.90
C GLY B 86 8.13 12.05 4.96
N GLU B 87 7.37 11.42 5.82
CA GLU B 87 5.97 11.78 6.01
C GLU B 87 5.81 13.18 6.60
N ILE B 88 6.64 13.57 7.56
CA ILE B 88 6.65 14.92 8.14
C ILE B 88 6.91 15.98 7.08
N ILE B 89 7.94 15.83 6.22
CA ILE B 89 8.18 16.85 5.18
C ILE B 89 7.03 16.91 4.18
N LEU B 90 6.56 15.77 3.66
CA LEU B 90 5.44 15.77 2.71
C LEU B 90 4.19 16.43 3.29
N ARG B 91 3.98 16.21 4.60
CA ARG B 91 2.83 16.79 5.34
C ARG B 91 2.87 18.32 5.23
N TYR B 92 3.97 18.95 5.67
CA TYR B 92 4.05 20.41 5.58
C TYR B 92 3.98 20.90 4.13
N VAL B 93 4.56 20.21 3.13
CA VAL B 93 4.45 20.63 1.72
C VAL B 93 2.99 20.55 1.22
N SER B 94 2.24 19.50 1.56
CA SER B 94 0.82 19.39 1.17
C SER B 94 -0.04 20.52 1.76
N TYR B 95 0.24 20.92 2.99
CA TYR B 95 -0.39 22.07 3.62
C TYR B 95 0.06 23.41 3.01
N ALA B 96 1.33 23.60 2.65
CA ALA B 96 1.78 24.76 1.87
C ALA B 96 1.10 24.88 0.49
N LEU B 97 0.86 23.77 -0.21
CA LEU B 97 0.04 23.74 -1.42
C LEU B 97 -1.42 24.11 -1.14
N LEU B 98 -1.99 23.64 -0.04
CA LEU B 98 -3.35 24.02 0.34
C LEU B 98 -3.45 25.52 0.61
N ALA B 99 -2.53 26.09 1.39
CA ALA B 99 -2.50 27.52 1.67
C ALA B 99 -2.09 28.39 0.46
N GLY B 100 -1.39 27.83 -0.53
CA GLY B 100 -0.65 28.59 -1.53
C GLY B 100 0.46 29.46 -0.94
N ASP B 101 1.06 29.02 0.17
CA ASP B 101 1.94 29.84 1.01
C ASP B 101 2.99 28.96 1.72
N ALA B 102 4.26 29.12 1.33
CA ALA B 102 5.37 28.31 1.82
C ALA B 102 5.74 28.54 3.29
N SER B 103 5.30 29.65 3.89
CA SER B 103 5.71 30.07 5.23
C SER B 103 5.47 29.03 6.35
N VAL B 104 4.40 28.24 6.30
CA VAL B 104 4.15 27.15 7.30
C VAL B 104 5.34 26.16 7.26
N LEU B 105 5.70 25.72 6.06
CA LEU B 105 6.79 24.75 5.81
C LEU B 105 8.13 25.34 6.27
N GLU B 106 8.42 26.59 5.91
CA GLU B 106 9.66 27.24 6.30
C GLU B 106 9.76 27.40 7.81
N ASP B 107 8.73 27.96 8.44
CA ASP B 107 8.73 28.33 9.86
C ASP B 107 8.71 27.12 10.79
N ARG B 108 7.89 26.11 10.48
CA ARG B 108 7.62 24.98 11.38
C ARG B 108 8.45 23.73 11.09
N CYS B 109 8.98 23.57 9.88
CA CYS B 109 9.67 22.35 9.47
C CYS B 109 11.12 22.60 9.03
N LEU B 110 11.37 23.58 8.15
CA LEU B 110 12.71 23.81 7.59
C LEU B 110 13.64 24.65 8.49
N ASN B 111 13.06 25.53 9.31
CA ASN B 111 13.76 26.34 10.30
C ASN B 111 14.58 25.48 11.28
N GLY B 112 15.90 25.53 11.19
CA GLY B 112 16.77 24.74 12.06
C GLY B 112 17.06 23.29 11.60
N LEU B 113 16.46 22.83 10.50
CA LEU B 113 16.58 21.44 10.04
C LEU B 113 18.00 21.09 9.60
N LYS B 114 18.70 22.01 8.92
CA LYS B 114 20.10 21.81 8.50
C LYS B 114 21.02 21.52 9.67
N GLU B 115 21.00 22.39 10.69
CA GLU B 115 21.80 22.24 11.92
C GLU B 115 21.41 20.97 12.69
N THR B 116 20.12 20.63 12.72
CA THR B 116 19.61 19.39 13.29
C THR B 116 20.22 18.18 12.58
N TYR B 117 20.17 18.18 11.25
CA TYR B 117 20.74 17.07 10.45
C TYR B 117 22.24 16.94 10.74
N ILE B 118 22.98 18.05 10.65
CA ILE B 118 24.43 18.08 10.89
C ILE B 118 24.77 17.54 12.30
N ALA B 119 24.03 17.95 13.33
CA ALA B 119 24.25 17.48 14.70
C ALA B 119 23.93 15.98 14.84
N LEU B 120 22.89 15.49 14.16
CA LEU B 120 22.52 14.07 14.14
C LEU B 120 23.44 13.21 13.25
N GLY B 121 24.13 13.80 12.28
CA GLY B 121 24.85 13.04 11.25
C GLY B 121 23.95 12.50 10.12
N VAL B 122 22.73 13.04 9.96
CA VAL B 122 21.83 12.67 8.86
C VAL B 122 22.38 13.23 7.54
N PRO B 123 22.60 12.41 6.52
CA PRO B 123 23.22 12.86 5.27
C PRO B 123 22.27 13.75 4.44
N THR B 124 22.59 15.03 4.29
CA THR B 124 21.73 16.02 3.61
C THR B 124 21.65 15.76 2.10
N ASN B 125 22.74 15.28 1.49
CA ASN B 125 22.77 14.95 0.04
C ASN B 125 21.70 13.89 -0.26
N SER B 126 21.70 12.78 0.48
CA SER B 126 20.71 11.71 0.34
C SER B 126 19.30 12.20 0.71
N SER B 127 19.16 13.05 1.73
CA SER B 127 17.87 13.66 2.06
C SER B 127 17.29 14.44 0.86
N ILE B 128 18.14 15.19 0.14
CA ILE B 128 17.72 15.94 -1.06
C ILE B 128 17.22 14.99 -2.15
N ARG B 129 17.84 13.82 -2.33
CA ARG B 129 17.36 12.81 -3.29
C ARG B 129 15.97 12.27 -2.93
N ALA B 130 15.71 11.96 -1.66
CA ALA B 130 14.36 11.52 -1.25
C ALA B 130 13.31 12.60 -1.57
N VAL B 131 13.60 13.86 -1.24
CA VAL B 131 12.75 15.02 -1.53
C VAL B 131 12.52 15.18 -3.04
N SER B 132 13.57 15.02 -3.85
CA SER B 132 13.50 15.14 -5.30
C SER B 132 12.65 14.04 -5.94
N ILE B 133 12.63 12.84 -5.36
CA ILE B 133 11.71 11.80 -5.81
C ILE B 133 10.27 12.21 -5.49
N MET B 134 9.99 12.72 -4.29
CA MET B 134 8.63 13.17 -3.95
C MET B 134 8.17 14.34 -4.81
N LYS B 135 9.09 15.23 -5.22
CA LYS B 135 8.80 16.30 -6.19
C LYS B 135 8.27 15.73 -7.51
N ALA B 136 8.99 14.77 -8.08
CA ALA B 136 8.57 14.12 -9.34
C ALA B 136 7.22 13.39 -9.19
N GLN B 137 7.02 12.73 -8.06
CA GLN B 137 5.75 12.02 -7.77
C GLN B 137 4.59 13.03 -7.76
N ALA B 138 4.72 14.13 -6.99
CA ALA B 138 3.67 15.13 -6.83
C ALA B 138 3.33 15.82 -8.15
N VAL B 139 4.33 16.20 -8.93
CA VAL B 139 4.12 16.78 -10.27
C VAL B 139 3.34 15.82 -11.15
N ALA B 140 3.65 14.53 -11.10
CA ALA B 140 2.96 13.53 -11.90
C ALA B 140 1.49 13.38 -11.49
N PHE B 141 1.20 13.28 -10.19
CA PHE B 141 -0.19 13.20 -9.72
C PHE B 141 -1.00 14.46 -10.03
N ILE B 142 -0.43 15.65 -9.84
CA ILE B 142 -1.14 16.92 -10.08
C ILE B 142 -1.49 17.10 -11.56
N THR B 143 -0.62 16.68 -12.48
CA THR B 143 -0.89 16.72 -13.93
C THR B 143 -1.61 15.46 -14.44
N ASN B 144 -1.87 14.49 -13.55
CA ASN B 144 -2.39 13.15 -13.85
C ASN B 144 -1.59 12.42 -14.94
N THR B 145 -0.26 12.57 -14.94
CA THR B 145 0.66 11.88 -15.88
C THR B 145 1.49 10.80 -15.20
N ALA B 146 1.11 10.33 -14.00
CA ALA B 146 1.76 9.18 -13.38
C ALA B 146 1.52 7.91 -14.23
N THR B 147 2.56 7.13 -14.47
CA THR B 147 2.46 5.85 -15.23
C THR B 147 1.87 4.71 -14.40
N GLU B 148 1.92 4.78 -13.06
CA GLU B 148 1.47 3.72 -12.15
C GLU B 148 0.01 3.85 -11.63
N ARG B 149 -0.58 5.05 -11.80
CA ARG B 149 -1.98 5.26 -11.34
C ARG B 149 -2.64 6.50 -11.96
N LYS B 150 -3.85 6.34 -12.50
CA LYS B 150 -4.69 7.44 -13.01
C LYS B 150 -5.77 7.77 -11.98
N MET B 151 -5.98 9.05 -11.66
CA MET B 151 -7.12 9.52 -10.88
C MET B 151 -8.10 10.31 -11.76
N SER B 152 -9.28 10.65 -11.24
CA SER B 152 -10.38 11.28 -11.98
C SER B 152 -10.47 12.79 -11.72
N PHE B 153 -10.43 13.58 -12.79
CA PHE B 153 -10.47 15.05 -12.75
C PHE B 153 -11.23 15.63 -13.94
N ALA B 154 -11.82 16.81 -13.77
CA ALA B 154 -12.36 17.59 -14.88
C ALA B 154 -11.21 18.13 -15.77
N ALA B 155 -11.43 18.14 -17.09
CA ALA B 155 -10.41 18.51 -18.05
C ALA B 155 -9.98 19.99 -17.89
N GLY B 156 -8.69 20.24 -18.02
CA GLY B 156 -8.12 21.59 -17.99
C GLY B 156 -6.59 21.58 -17.89
N ASP B 157 -6.01 22.73 -17.59
CA ASP B 157 -4.56 22.89 -17.42
C ASP B 157 -4.20 23.17 -15.95
N CYS B 158 -3.29 22.36 -15.42
CA CYS B 158 -2.81 22.48 -14.05
C CYS B 158 -1.29 22.77 -13.92
N THR B 159 -0.68 23.30 -14.96
CA THR B 159 0.79 23.53 -14.99
C THR B 159 1.28 24.46 -13.88
N SER B 160 0.54 25.53 -13.58
CA SER B 160 0.88 26.48 -12.52
C SER B 160 0.96 25.78 -11.16
N LEU B 161 0.00 24.92 -10.83
CA LEU B 161 0.01 24.21 -9.54
C LEU B 161 1.17 23.20 -9.46
N ALA B 162 1.51 22.55 -10.57
CA ALA B 162 2.65 21.64 -10.62
C ALA B 162 3.97 22.39 -10.38
N SER B 163 4.12 23.54 -11.08
CA SER B 163 5.29 24.45 -10.96
C SER B 163 5.28 25.09 -9.56
N GLU B 164 4.11 25.04 -8.90
CA GLU B 164 3.95 25.61 -7.54
C GLU B 164 4.52 24.61 -6.53
N VAL B 165 4.17 23.32 -6.66
CA VAL B 165 4.69 22.27 -5.73
C VAL B 165 6.18 22.12 -5.99
N ALA B 166 6.60 22.29 -7.26
CA ALA B 166 8.04 22.18 -7.62
C ALA B 166 8.86 23.07 -6.68
N SER B 167 8.59 24.38 -6.70
CA SER B 167 9.31 25.35 -5.83
C SER B 167 9.20 24.94 -4.36
N TYR B 168 8.04 24.49 -3.86
CA TYR B 168 7.91 24.19 -2.45
C TYR B 168 8.82 23.03 -2.07
N PHE B 169 8.92 22.00 -2.90
CA PHE B 169 9.92 20.92 -2.63
C PHE B 169 11.33 21.52 -2.69
N ASP B 170 11.60 22.31 -3.74
CA ASP B 170 12.89 22.96 -3.92
C ASP B 170 13.36 23.75 -2.69
N ARG B 171 12.40 24.32 -1.94
CA ARG B 171 12.76 25.08 -0.71
C ARG B 171 13.39 24.14 0.33
N VAL B 172 12.91 22.90 0.42
CA VAL B 172 13.48 21.91 1.36
C VAL B 172 14.97 21.71 1.11
N GLY B 173 15.34 21.36 -0.12
CA GLY B 173 16.75 21.22 -0.50
C GLY B 173 17.53 22.50 -0.29
N ALA B 174 16.98 23.65 -0.66
CA ALA B 174 17.61 24.94 -0.46
C ALA B 174 17.92 25.21 1.03
N ALA B 175 17.03 24.81 1.95
CA ALA B 175 17.28 24.95 3.38
C ALA B 175 18.41 24.05 3.88
N ILE B 176 18.49 22.79 3.41
CA ILE B 176 19.38 21.77 3.99
C ILE B 176 20.72 21.59 3.24
N SER B 177 20.87 22.19 2.06
CA SER B 177 22.11 22.15 1.25
C SER B 177 23.36 22.63 1.99
N MET C 1 -14.71 -4.84 -18.04
CA MET C 1 -14.50 -5.77 -16.89
C MET C 1 -13.04 -5.88 -16.42
N LEU C 2 -12.07 -6.14 -17.32
CA LEU C 2 -10.65 -6.25 -16.97
C LEU C 2 -10.09 -4.94 -16.39
N ASP C 3 -10.45 -3.80 -16.99
CA ASP C 3 -10.00 -2.48 -16.53
C ASP C 3 -10.49 -2.18 -15.10
N ALA C 4 -11.73 -2.51 -14.76
CA ALA C 4 -12.25 -2.34 -13.41
C ALA C 4 -11.47 -3.21 -12.39
N PHE C 5 -11.19 -4.47 -12.72
CA PHE C 5 -10.40 -5.35 -11.86
C PHE C 5 -8.98 -4.81 -11.65
N SER C 6 -8.33 -4.36 -12.73
CA SER C 6 -7.03 -3.70 -12.68
C SER C 6 -7.07 -2.44 -11.81
N ARG C 7 -8.08 -1.57 -11.96
CA ARG C 7 -8.23 -0.35 -11.14
C ARG C 7 -8.48 -0.65 -9.67
N VAL C 8 -9.18 -1.73 -9.31
CA VAL C 8 -9.29 -2.17 -7.91
C VAL C 8 -7.91 -2.44 -7.31
N VAL C 9 -7.07 -3.20 -8.02
CA VAL C 9 -5.70 -3.49 -7.55
C VAL C 9 -4.83 -2.23 -7.51
N VAL C 10 -4.88 -1.40 -8.55
CA VAL C 10 -4.09 -0.17 -8.66
C VAL C 10 -4.45 0.85 -7.57
N ASN C 11 -5.74 1.05 -7.30
CA ASN C 11 -6.22 1.96 -6.26
C ASN C 11 -6.03 1.41 -4.83
N SER C 12 -6.08 0.09 -4.63
CA SER C 12 -6.05 -0.56 -3.31
C SER C 12 -7.20 -0.08 -2.40
N ASP C 13 -8.35 0.25 -2.99
CA ASP C 13 -9.46 0.97 -2.35
C ASP C 13 -10.42 0.08 -1.51
N ALA C 14 -10.20 -1.24 -1.50
CA ALA C 14 -11.04 -2.23 -0.82
C ALA C 14 -12.54 -2.22 -1.20
N LYS C 15 -12.91 -1.71 -2.39
CA LYS C 15 -14.28 -1.76 -2.92
C LYS C 15 -14.41 -2.86 -3.98
N ALA C 16 -15.42 -3.72 -3.85
CA ALA C 16 -15.60 -4.87 -4.72
C ALA C 16 -16.08 -4.50 -6.13
N ALA C 17 -15.45 -5.07 -7.16
CA ALA C 17 -15.97 -5.08 -8.54
C ALA C 17 -17.08 -6.13 -8.71
N TYR C 18 -18.05 -5.88 -9.59
CA TYR C 18 -19.18 -6.77 -9.90
C TYR C 18 -19.55 -6.72 -11.39
N VAL C 19 -19.96 -7.86 -11.95
CA VAL C 19 -20.00 -8.13 -13.40
C VAL C 19 -21.30 -8.82 -13.84
N GLY C 20 -21.82 -8.42 -15.01
CA GLY C 20 -22.95 -9.09 -15.67
C GLY C 20 -22.54 -10.22 -16.62
N GLY C 21 -23.51 -10.84 -17.29
CA GLY C 21 -23.25 -11.94 -18.24
C GLY C 21 -22.47 -11.52 -19.50
N SER C 22 -22.78 -10.35 -20.05
CA SER C 22 -22.03 -9.78 -21.20
C SER C 22 -20.61 -9.34 -20.81
N ASP C 23 -20.44 -8.83 -19.57
CA ASP C 23 -19.13 -8.51 -19.01
C ASP C 23 -18.28 -9.77 -18.84
N LEU C 24 -18.85 -10.80 -18.20
CA LEU C 24 -18.19 -12.07 -17.99
C LEU C 24 -17.77 -12.73 -19.32
N GLN C 25 -18.60 -12.67 -20.36
CA GLN C 25 -18.24 -13.15 -21.68
C GLN C 25 -17.09 -12.36 -22.30
N ALA C 26 -16.96 -11.06 -22.04
CA ALA C 26 -15.81 -10.27 -22.47
C ALA C 26 -14.52 -10.71 -21.76
N LEU C 27 -14.53 -10.88 -20.42
CA LEU C 27 -13.32 -11.34 -19.72
C LEU C 27 -12.92 -12.77 -20.13
N LYS C 28 -13.89 -13.68 -20.27
CA LYS C 28 -13.65 -15.04 -20.77
C LYS C 28 -13.11 -15.07 -22.20
N SER C 29 -13.47 -14.09 -23.04
CA SER C 29 -12.88 -13.92 -24.38
C SER C 29 -11.42 -13.43 -24.33
N PHE C 30 -11.05 -12.63 -23.32
CA PHE C 30 -9.66 -12.22 -23.06
C PHE C 30 -8.79 -13.34 -22.47
N ILE C 31 -9.29 -14.03 -21.44
CA ILE C 31 -8.62 -15.14 -20.73
C ILE C 31 -8.45 -16.39 -21.61
N ALA C 32 -7.37 -17.15 -21.39
CA ALA C 32 -7.20 -18.50 -21.94
C ALA C 32 -7.90 -19.57 -21.07
N ASP C 33 -8.74 -20.39 -21.72
CA ASP C 33 -9.49 -21.49 -21.05
C ASP C 33 -10.17 -20.96 -19.78
N GLY C 34 -10.88 -19.83 -19.88
CA GLY C 34 -11.57 -19.23 -18.73
C GLY C 34 -12.43 -20.23 -17.97
N ASN C 35 -13.24 -21.01 -18.70
CA ASN C 35 -14.14 -22.03 -18.09
C ASN C 35 -13.36 -22.89 -17.09
N LYS C 36 -12.25 -23.49 -17.54
CA LYS C 36 -11.43 -24.38 -16.67
C LYS C 36 -10.60 -23.52 -15.70
N ARG C 37 -10.22 -22.31 -16.10
CA ARG C 37 -9.41 -21.41 -15.25
C ARG C 37 -10.24 -20.90 -14.08
N LEU C 38 -11.52 -20.61 -14.31
CA LEU C 38 -12.40 -20.10 -13.26
C LEU C 38 -12.79 -21.22 -12.28
N ASP C 39 -13.04 -22.44 -12.75
CA ASP C 39 -13.19 -23.58 -11.83
C ASP C 39 -11.94 -23.86 -11.00
N ALA C 40 -10.73 -23.71 -11.57
CA ALA C 40 -9.48 -23.92 -10.86
C ALA C 40 -9.32 -22.88 -9.74
N VAL C 41 -9.55 -21.60 -10.05
CA VAL C 41 -9.55 -20.51 -9.06
C VAL C 41 -10.61 -20.78 -7.98
N ASN C 42 -11.83 -21.14 -8.37
CA ASN C 42 -12.92 -21.47 -7.45
C ASN C 42 -12.55 -22.62 -6.50
N SER C 43 -11.85 -23.64 -7.00
CA SER C 43 -11.40 -24.78 -6.18
C SER C 43 -10.44 -24.35 -5.05
N ILE C 44 -9.58 -23.35 -5.29
CA ILE C 44 -8.69 -22.81 -4.25
C ILE C 44 -9.47 -21.90 -3.30
N VAL C 45 -10.19 -20.89 -3.78
CA VAL C 45 -10.80 -19.91 -2.88
C VAL C 45 -11.99 -20.48 -2.08
N SER C 46 -12.59 -21.57 -2.53
CA SER C 46 -13.57 -22.33 -1.73
C SER C 46 -12.96 -23.06 -0.52
N ASN C 47 -11.65 -23.31 -0.54
CA ASN C 47 -10.92 -24.05 0.49
C ASN C 47 -9.83 -23.20 1.19
N ALA C 48 -9.73 -21.90 0.91
CA ALA C 48 -8.55 -21.11 1.30
C ALA C 48 -8.31 -21.05 2.81
N SER C 49 -9.34 -20.91 3.64
CA SER C 49 -9.13 -20.87 5.10
C SER C 49 -8.64 -22.21 5.65
N CYS C 50 -9.22 -23.31 5.16
CA CYS C 50 -8.80 -24.65 5.56
C CYS C 50 -7.34 -24.90 5.10
N MET C 51 -7.01 -24.47 3.87
CA MET C 51 -5.66 -24.57 3.31
C MET C 51 -4.60 -23.89 4.18
N VAL C 52 -4.83 -22.61 4.53
CA VAL C 52 -3.86 -21.82 5.29
C VAL C 52 -3.65 -22.41 6.69
N SER C 53 -4.72 -22.75 7.40
CA SER C 53 -4.62 -23.30 8.75
C SER C 53 -3.85 -24.63 8.77
N ASP C 54 -4.18 -25.53 7.86
CA ASP C 54 -3.52 -26.82 7.72
C ASP C 54 -2.03 -26.67 7.36
N ALA C 55 -1.68 -25.77 6.43
CA ALA C 55 -0.30 -25.52 6.06
C ALA C 55 0.57 -24.97 7.22
N VAL C 56 0.05 -23.97 7.93
CA VAL C 56 0.73 -23.39 9.10
C VAL C 56 0.84 -24.41 10.23
N SER C 57 -0.21 -25.21 10.44
CA SER C 57 -0.15 -26.30 11.44
C SER C 57 0.91 -27.33 11.08
N GLY C 58 1.05 -27.63 9.79
CA GLY C 58 2.07 -28.55 9.27
C GLY C 58 3.50 -28.03 9.45
N MET C 59 3.71 -26.75 9.16
CA MET C 59 4.99 -26.10 9.42
C MET C 59 5.37 -26.23 10.91
N ILE C 60 4.42 -26.08 11.83
CA ILE C 60 4.64 -26.19 13.27
C ILE C 60 4.91 -27.64 13.72
N CYS C 61 4.18 -28.67 13.26
CA CYS C 61 4.41 -30.05 13.72
C CYS C 61 5.79 -30.58 13.22
N GLU C 62 6.28 -30.08 12.09
CA GLU C 62 7.63 -30.33 11.59
C GLU C 62 8.73 -29.51 12.28
N ASN C 63 8.39 -28.39 12.92
CA ASN C 63 9.34 -27.50 13.61
C ASN C 63 8.74 -26.92 14.89
N PRO C 64 8.56 -27.73 15.96
CA PRO C 64 7.84 -27.31 17.16
C PRO C 64 8.45 -26.12 17.89
N GLY C 65 9.75 -25.87 17.69
CA GLY C 65 10.43 -24.69 18.25
C GLY C 65 9.79 -23.35 17.86
N LEU C 66 9.04 -23.29 16.76
CA LEU C 66 8.29 -22.10 16.34
C LEU C 66 7.28 -21.63 17.40
N ILE C 67 6.74 -22.55 18.20
CA ILE C 67 5.72 -22.26 19.23
C ILE C 67 6.26 -22.33 20.67
N SER C 68 7.53 -22.65 20.86
CA SER C 68 8.22 -22.49 22.16
C SER C 68 8.48 -21.00 22.46
N PRO C 69 8.67 -20.60 23.73
CA PRO C 69 9.07 -19.24 24.07
C PRO C 69 10.29 -18.77 23.26
N GLY C 70 10.25 -17.55 22.74
CA GLY C 70 11.24 -17.04 21.77
C GLY C 70 11.07 -17.54 20.33
N GLY C 71 10.13 -18.47 20.11
CA GLY C 71 9.68 -19.00 18.83
C GLY C 71 8.86 -17.98 18.06
N CYS C 73 6.27 -18.10 16.10
CA CYS C 73 4.83 -18.28 16.25
C CYS C 73 4.39 -18.25 17.73
N TYR C 74 5.26 -17.88 18.66
CA TYR C 74 4.88 -17.82 20.08
C TYR C 74 4.08 -16.54 20.38
N THR C 75 3.10 -16.66 21.28
CA THR C 75 2.00 -15.71 21.56
C THR C 75 0.94 -15.62 20.46
N ASN C 76 -0.31 -15.36 20.87
CA ASN C 76 -1.45 -15.34 19.95
C ASN C 76 -1.33 -14.25 18.87
N ARG C 77 -0.67 -13.14 19.22
CA ARG C 77 -0.44 -12.03 18.26
C ARG C 77 0.39 -12.53 17.08
N ARG C 78 1.51 -13.21 17.33
CA ARG C 78 2.38 -13.71 16.25
C ARG C 78 1.70 -14.83 15.45
N MET C 79 1.02 -15.75 16.11
CA MET C 79 0.29 -16.84 15.45
C MET C 79 -0.73 -16.26 14.46
N ALA C 80 -1.53 -15.27 14.89
CA ALA C 80 -2.49 -14.62 14.01
C ALA C 80 -1.82 -13.86 12.85
N ALA C 81 -0.67 -13.20 13.09
CA ALA C 81 0.08 -12.54 12.02
C ALA C 81 0.64 -13.55 11.01
N CYS C 82 1.05 -14.74 11.47
CA CYS C 82 1.55 -15.78 10.58
C CYS C 82 0.45 -16.37 9.69
N LEU C 83 -0.73 -16.63 10.25
CA LEU C 83 -1.90 -17.01 9.46
C LEU C 83 -2.40 -15.93 8.51
N ARG C 84 -2.12 -14.66 8.87
CA ARG C 84 -2.48 -13.50 8.01
C ARG C 84 -1.57 -13.53 6.77
N ASP C 85 -0.27 -13.76 6.96
CA ASP C 85 0.68 -13.83 5.85
C ASP C 85 0.47 -15.08 4.99
N GLY C 86 0.09 -16.22 5.57
CA GLY C 86 -0.25 -17.39 4.76
C GLY C 86 -1.44 -17.10 3.84
N GLU C 87 -2.48 -16.47 4.35
CA GLU C 87 -3.61 -16.07 3.53
C GLU C 87 -3.26 -15.04 2.48
N ILE C 88 -2.46 -14.01 2.82
CA ILE C 88 -2.01 -13.03 1.83
C ILE C 88 -1.38 -13.76 0.65
N ILE C 89 -0.38 -14.57 0.92
CA ILE C 89 0.39 -15.24 -0.14
C ILE C 89 -0.54 -16.08 -1.02
N LEU C 90 -1.44 -16.87 -0.41
CA LEU C 90 -2.40 -17.71 -1.13
C LEU C 90 -3.38 -16.92 -2.01
N ARG C 91 -3.79 -15.76 -1.50
CA ARG C 91 -4.70 -14.85 -2.25
C ARG C 91 -3.98 -14.31 -3.49
N TYR C 92 -2.74 -13.81 -3.34
CA TYR C 92 -1.99 -13.28 -4.48
C TYR C 92 -1.69 -14.35 -5.54
N VAL C 93 -1.29 -15.55 -5.11
CA VAL C 93 -1.14 -16.71 -6.03
C VAL C 93 -2.44 -16.99 -6.79
N SER C 94 -3.60 -16.95 -6.13
CA SER C 94 -4.90 -17.10 -6.80
C SER C 94 -5.15 -16.04 -7.87
N TYR C 95 -4.78 -14.78 -7.61
CA TYR C 95 -4.98 -13.75 -8.64
C TYR C 95 -4.00 -13.92 -9.81
N ALA C 96 -2.76 -14.37 -9.57
CA ALA C 96 -1.85 -14.72 -10.66
C ALA C 96 -2.44 -15.84 -11.55
N LEU C 97 -3.10 -16.85 -10.94
CA LEU C 97 -3.79 -17.90 -11.69
C LEU C 97 -4.95 -17.35 -12.53
N LEU C 98 -5.78 -16.47 -11.96
CA LEU C 98 -6.88 -15.84 -12.70
C LEU C 98 -6.35 -14.99 -13.87
N ALA C 99 -5.25 -14.27 -13.64
CA ALA C 99 -4.63 -13.40 -14.64
C ALA C 99 -3.81 -14.15 -15.70
N GLY C 100 -3.33 -15.37 -15.41
CA GLY C 100 -2.37 -16.09 -16.24
C GLY C 100 -1.01 -15.40 -16.31
N ASP C 101 -0.61 -14.72 -15.23
CA ASP C 101 0.54 -13.80 -15.20
C ASP C 101 1.06 -13.66 -13.76
N ALA C 102 2.37 -13.89 -13.55
CA ALA C 102 3.02 -13.74 -12.26
C ALA C 102 3.17 -12.29 -11.77
N SER C 103 3.01 -11.28 -12.65
CA SER C 103 3.40 -9.90 -12.33
C SER C 103 2.77 -9.36 -11.04
N VAL C 104 1.47 -9.59 -10.80
CA VAL C 104 0.81 -9.04 -9.61
C VAL C 104 1.39 -9.63 -8.32
N LEU C 105 1.71 -10.93 -8.33
CA LEU C 105 2.33 -11.63 -7.21
C LEU C 105 3.74 -11.08 -6.96
N GLU C 106 4.54 -10.97 -8.03
CA GLU C 106 5.91 -10.47 -7.95
C GLU C 106 5.94 -9.03 -7.45
N ASP C 107 5.16 -8.16 -8.08
CA ASP C 107 5.21 -6.72 -7.85
C ASP C 107 4.59 -6.30 -6.52
N ARG C 108 3.45 -6.86 -6.14
CA ARG C 108 2.74 -6.36 -4.92
C ARG C 108 2.97 -7.22 -3.67
N CYS C 109 3.38 -8.48 -3.81
CA CYS C 109 3.56 -9.36 -2.66
C CYS C 109 5.02 -9.73 -2.42
N LEU C 110 5.73 -10.19 -3.46
CA LEU C 110 7.08 -10.77 -3.29
C LEU C 110 8.21 -9.74 -3.30
N ASN C 111 8.08 -8.62 -4.01
CA ASN C 111 9.10 -7.56 -4.01
C ASN C 111 9.28 -6.94 -2.62
N GLY C 112 10.48 -7.03 -2.06
CA GLY C 112 10.77 -6.54 -0.72
C GLY C 112 10.43 -7.49 0.43
N LEU C 113 9.80 -8.63 0.16
CA LEU C 113 9.34 -9.56 1.19
C LEU C 113 10.52 -10.19 1.95
N LYS C 114 11.56 -10.62 1.22
CA LYS C 114 12.77 -11.22 1.82
C LYS C 114 13.45 -10.28 2.81
N GLU C 115 13.67 -9.04 2.40
CA GLU C 115 14.27 -7.99 3.22
C GLU C 115 13.42 -7.69 4.45
N THR C 116 12.09 -7.62 4.27
CA THR C 116 11.15 -7.39 5.37
C THR C 116 11.18 -8.55 6.37
N TYR C 117 11.18 -9.80 5.90
CA TYR C 117 11.26 -10.96 6.79
C TYR C 117 12.60 -11.03 7.53
N ILE C 118 13.71 -10.74 6.86
CA ILE C 118 15.03 -10.66 7.51
C ILE C 118 15.04 -9.56 8.58
N ALA C 119 14.49 -8.37 8.30
CA ALA C 119 14.41 -7.27 9.27
C ALA C 119 13.51 -7.60 10.47
N LEU C 120 12.43 -8.35 10.26
CA LEU C 120 11.52 -8.79 11.32
C LEU C 120 12.01 -10.04 12.08
N GLY C 121 12.92 -10.83 11.51
CA GLY C 121 13.31 -12.13 12.08
C GLY C 121 12.35 -13.28 11.77
N VAL C 122 11.51 -13.12 10.74
CA VAL C 122 10.63 -14.19 10.25
C VAL C 122 11.46 -15.28 9.56
N PRO C 123 11.39 -16.55 10.00
CA PRO C 123 12.20 -17.63 9.41
C PRO C 123 11.75 -17.99 7.99
N THR C 124 12.58 -17.72 6.99
CA THR C 124 12.25 -17.91 5.56
C THR C 124 12.18 -19.39 5.19
N ASN C 125 13.00 -20.25 5.76
CA ASN C 125 12.95 -21.69 5.50
C ASN C 125 11.61 -22.31 5.95
N SER C 126 11.09 -21.91 7.10
CA SER C 126 9.79 -22.34 7.60
C SER C 126 8.66 -21.77 6.75
N SER C 127 8.78 -20.50 6.32
CA SER C 127 7.84 -19.90 5.37
C SER C 127 7.74 -20.71 4.06
N ILE C 128 8.88 -21.16 3.53
CA ILE C 128 8.94 -21.97 2.31
C ILE C 128 8.20 -23.31 2.50
N ARG C 129 8.29 -23.89 3.71
CA ARG C 129 7.56 -25.16 3.97
C ARG C 129 6.04 -24.90 3.93
N ALA C 130 5.57 -23.87 4.65
CA ALA C 130 4.13 -23.56 4.65
C ALA C 130 3.61 -23.37 3.21
N VAL C 131 4.33 -22.60 2.40
CA VAL C 131 4.03 -22.37 0.97
C VAL C 131 4.02 -23.67 0.17
N SER C 132 4.97 -24.57 0.44
CA SER C 132 5.07 -25.88 -0.23
C SER C 132 3.87 -26.77 0.10
N ILE C 133 3.35 -26.70 1.33
CA ILE C 133 2.13 -27.42 1.67
C ILE C 133 0.94 -26.81 0.89
N MET C 134 0.84 -25.48 0.80
CA MET C 134 -0.22 -24.83 0.02
C MET C 134 -0.15 -25.19 -1.47
N LYS C 135 1.06 -25.36 -2.02
CA LYS C 135 1.23 -25.85 -3.40
C LYS C 135 0.61 -27.23 -3.58
N ALA C 136 0.95 -28.18 -2.71
CA ALA C 136 0.40 -29.54 -2.74
C ALA C 136 -1.13 -29.54 -2.59
N GLN C 137 -1.63 -28.71 -1.71
CA GLN C 137 -3.08 -28.54 -1.50
C GLN C 137 -3.74 -28.09 -2.82
N ALA C 138 -3.26 -27.00 -3.42
CA ALA C 138 -3.85 -26.40 -4.62
C ALA C 138 -3.83 -27.36 -5.82
N VAL C 139 -2.72 -28.08 -6.03
CA VAL C 139 -2.63 -29.10 -7.09
C VAL C 139 -3.68 -30.18 -6.88
N ALA C 140 -3.92 -30.58 -5.63
CA ALA C 140 -4.93 -31.57 -5.32
C ALA C 140 -6.36 -31.08 -5.62
N PHE C 141 -6.72 -29.87 -5.19
CA PHE C 141 -8.06 -29.32 -5.49
C PHE C 141 -8.29 -29.11 -7.00
N ILE C 142 -7.31 -28.60 -7.74
CA ILE C 142 -7.49 -28.33 -9.19
C ILE C 142 -7.70 -29.62 -9.98
N THR C 143 -7.01 -30.71 -9.62
CA THR C 143 -7.15 -32.03 -10.25
C THR C 143 -8.27 -32.87 -9.61
N ASN C 144 -8.96 -32.34 -8.59
CA ASN C 144 -9.96 -33.03 -7.77
C ASN C 144 -9.43 -34.34 -7.13
N THR C 145 -8.17 -34.33 -6.67
CA THR C 145 -7.48 -35.47 -6.06
C THR C 145 -7.29 -35.32 -4.55
N ALA C 146 -7.96 -34.36 -3.90
CA ALA C 146 -7.92 -34.23 -2.45
C ALA C 146 -8.58 -35.44 -1.76
N THR C 147 -7.98 -35.91 -0.66
CA THR C 147 -8.38 -37.16 0.00
C THR C 147 -9.63 -37.02 0.86
N GLU C 148 -9.86 -35.84 1.48
CA GLU C 148 -10.96 -35.63 2.43
C GLU C 148 -12.09 -34.73 1.89
N ARG C 149 -11.93 -34.10 0.73
CA ARG C 149 -12.98 -33.31 0.07
C ARG C 149 -12.99 -33.52 -1.44
N LYS C 150 -14.17 -33.71 -2.01
CA LYS C 150 -14.42 -33.76 -3.47
C LYS C 150 -15.24 -32.53 -3.87
N MET C 151 -14.92 -31.98 -5.04
CA MET C 151 -15.68 -30.87 -5.65
C MET C 151 -16.26 -31.31 -6.99
N SER C 152 -17.26 -30.59 -7.49
CA SER C 152 -18.04 -30.97 -8.69
C SER C 152 -17.61 -30.16 -9.93
N PHE C 153 -17.25 -30.88 -11.00
CA PHE C 153 -16.78 -30.31 -12.27
C PHE C 153 -17.30 -31.12 -13.47
N ALA C 154 -17.37 -30.50 -14.65
CA ALA C 154 -17.54 -31.25 -15.90
C ALA C 154 -16.27 -32.07 -16.22
N ALA C 155 -16.44 -33.29 -16.73
CA ALA C 155 -15.33 -34.21 -16.97
C ALA C 155 -14.33 -33.65 -18.02
N GLY C 156 -13.04 -33.83 -17.76
CA GLY C 156 -11.97 -33.43 -18.68
C GLY C 156 -10.59 -33.46 -17.99
N ASP C 157 -9.60 -32.88 -18.65
CA ASP C 157 -8.22 -32.82 -18.15
C ASP C 157 -7.84 -31.38 -17.76
N CYS C 158 -7.36 -31.21 -16.54
CA CYS C 158 -6.92 -29.92 -16.05
C CYS C 158 -5.41 -29.84 -15.65
N THR C 159 -4.58 -30.72 -16.22
CA THR C 159 -3.16 -30.85 -15.84
C THR C 159 -2.34 -29.58 -16.10
N SER C 160 -2.63 -28.86 -17.19
CA SER C 160 -1.96 -27.58 -17.49
C SER C 160 -2.20 -26.53 -16.40
N LEU C 161 -3.42 -26.41 -15.89
CA LEU C 161 -3.70 -25.46 -14.82
C LEU C 161 -3.00 -25.84 -13.50
N ALA C 162 -2.91 -27.14 -13.23
CA ALA C 162 -2.19 -27.63 -12.05
C ALA C 162 -0.70 -27.28 -12.13
N SER C 163 -0.11 -27.50 -13.32
CA SER C 163 1.28 -27.10 -13.61
C SER C 163 1.48 -25.59 -13.48
N GLU C 164 0.40 -24.87 -13.80
CA GLU C 164 0.31 -23.39 -13.68
C GLU C 164 0.36 -22.97 -12.21
N VAL C 165 -0.46 -23.57 -11.32
CA VAL C 165 -0.38 -23.09 -9.90
C VAL C 165 0.99 -23.46 -9.31
N ALA C 166 1.55 -24.61 -9.67
CA ALA C 166 2.87 -25.06 -9.19
C ALA C 166 3.91 -23.96 -9.46
N SER C 167 3.92 -23.40 -10.68
CA SER C 167 4.91 -22.40 -11.07
C SER C 167 4.77 -21.11 -10.25
N TYR C 168 3.54 -20.70 -9.92
CA TYR C 168 3.34 -19.50 -9.11
C TYR C 168 3.75 -19.73 -7.65
N PHE C 169 3.44 -20.88 -7.05
CA PHE C 169 3.90 -21.16 -5.68
C PHE C 169 5.43 -21.23 -5.60
N ASP C 170 6.08 -21.82 -6.60
CA ASP C 170 7.55 -21.90 -6.67
C ASP C 170 8.22 -20.51 -6.73
N ARG C 171 7.52 -19.53 -7.31
CA ARG C 171 8.07 -18.14 -7.39
C ARG C 171 8.23 -17.56 -5.97
N VAL C 172 7.30 -17.88 -5.05
CA VAL C 172 7.33 -17.38 -3.67
C VAL C 172 8.61 -17.81 -2.96
N GLY C 173 8.90 -19.12 -2.95
CA GLY C 173 10.15 -19.62 -2.36
C GLY C 173 11.38 -19.03 -3.03
N ALA C 174 11.39 -18.95 -4.36
CA ALA C 174 12.48 -18.33 -5.10
C ALA C 174 12.74 -16.87 -4.69
N ALA C 175 11.69 -16.10 -4.39
CA ALA C 175 11.84 -14.72 -3.92
C ALA C 175 12.45 -14.63 -2.51
N ILE C 176 12.06 -15.52 -1.58
CA ILE C 176 12.41 -15.39 -0.16
C ILE C 176 13.62 -16.24 0.28
N SER C 177 14.10 -17.15 -0.56
CA SER C 177 15.29 -18.00 -0.30
C SER C 177 16.55 -17.21 0.07
#